data_5JIE
#
_entry.id   5JIE
#
_cell.length_a   175.013
_cell.length_b   32.133
_cell.length_c   65.648
_cell.angle_alpha   90.000
_cell.angle_beta   99.710
_cell.angle_gamma   90.000
#
_symmetry.space_group_name_H-M   'C 1 2 1'
#
loop_
_entity.id
_entity.type
_entity.pdbx_description
1 polymer 'Protein delta'
2 water water
#
_entity_poly.entity_id   1
_entity_poly.type   'polypeptide(L)'
_entity_poly.pdbx_seq_one_letter_code
;MPSEDYAIWYARATIAALQAAEYRLAMPSASYTAWFTDAVSDKLDKISESLNTLVECVIDKRLAVS
;
_entity_poly.pdbx_strand_id   B,C,E,D,A
#
# COMPACT_ATOMS: atom_id res chain seq x y z
N ILE A 8 -28.49 7.28 24.27
CA ILE A 8 -28.56 8.63 24.80
C ILE A 8 -27.19 9.32 24.66
N TRP A 9 -26.25 9.02 25.55
CA TRP A 9 -24.93 9.64 25.54
C TRP A 9 -23.91 8.78 24.80
N TYR A 10 -24.42 7.80 24.07
CA TYR A 10 -23.70 6.65 23.58
C TYR A 10 -22.81 6.99 22.39
N ALA A 11 -23.31 7.78 21.43
CA ALA A 11 -22.49 7.96 20.24
C ALA A 11 -21.32 8.90 20.48
N ARG A 12 -21.45 9.77 21.45
CA ARG A 12 -20.37 10.64 21.75
C ARG A 12 -19.27 9.86 22.45
N ALA A 13 -19.63 8.96 23.33
CA ALA A 13 -18.67 8.21 24.05
C ALA A 13 -18.06 7.14 23.19
N THR A 14 -18.83 6.62 22.26
CA THR A 14 -18.35 5.61 21.34
C THR A 14 -17.32 6.20 20.37
N ILE A 15 -17.64 7.36 19.80
CA ILE A 15 -16.70 8.03 18.91
C ILE A 15 -15.37 8.28 19.62
N ALA A 16 -15.42 8.73 20.89
CA ALA A 16 -14.18 9.02 21.60
C ALA A 16 -13.38 7.74 21.84
N ALA A 17 -14.07 6.63 22.14
CA ALA A 17 -13.35 5.37 22.34
C ALA A 17 -12.77 4.84 21.03
N LEU A 18 -13.54 4.89 19.94
CA LEU A 18 -13.06 4.40 18.66
C LEU A 18 -11.81 5.15 18.23
N GLN A 19 -11.78 6.47 18.46
CA GLN A 19 -10.64 7.30 18.10
C GLN A 19 -9.52 7.28 19.12
N ALA A 20 -9.80 6.83 20.35
CA ALA A 20 -8.72 6.62 21.32
C ALA A 20 -7.93 5.36 21.02
N ALA A 21 -8.59 4.33 20.47
CA ALA A 21 -7.89 3.10 20.21
C ALA A 21 -7.06 3.20 18.92
N GLU A 22 -6.08 2.30 18.82
CA GLU A 22 -5.36 2.03 17.59
C GLU A 22 -5.74 0.64 17.11
N TYR A 23 -5.60 0.40 15.80
CA TYR A 23 -6.19 -0.78 15.19
C TYR A 23 -5.11 -1.63 14.53
N ARG A 24 -5.07 -2.89 14.92
CA ARG A 24 -4.09 -3.84 14.42
C ARG A 24 -4.75 -4.67 13.32
N LEU A 25 -4.27 -4.50 12.09
CA LEU A 25 -4.82 -5.21 10.94
C LEU A 25 -4.50 -6.69 11.02
N ALA A 26 -5.46 -7.51 10.64
CA ALA A 26 -5.27 -8.94 10.53
C ALA A 26 -5.10 -9.31 9.06
N MET A 27 -4.98 -10.60 8.80
CA MET A 27 -5.07 -11.11 7.44
C MET A 27 -6.34 -10.57 6.77
N PRO A 28 -6.25 -9.91 5.61
CA PRO A 28 -7.47 -9.41 4.95
C PRO A 28 -8.36 -10.52 4.44
N SER A 29 -9.61 -10.17 4.16
CA SER A 29 -10.54 -11.12 3.58
C SER A 29 -10.10 -11.54 2.17
N ALA A 30 -10.73 -12.62 1.70
CA ALA A 30 -10.43 -13.14 0.38
C ALA A 30 -10.79 -12.14 -0.70
N SER A 31 -11.89 -11.40 -0.50
CA SER A 31 -12.27 -10.37 -1.44
C SER A 31 -11.21 -9.27 -1.52
N TYR A 32 -10.67 -8.86 -0.35
CA TYR A 32 -9.63 -7.85 -0.36
C TYR A 32 -8.38 -8.33 -1.09
N THR A 33 -7.87 -9.51 -0.74
CA THR A 33 -6.64 -9.98 -1.34
C THR A 33 -6.82 -10.23 -2.83
N ALA A 34 -7.96 -10.83 -3.22
CA ALA A 34 -8.25 -10.96 -4.64
C ALA A 34 -8.20 -9.60 -5.33
N TRP A 35 -8.76 -8.57 -4.68
CA TRP A 35 -8.74 -7.22 -5.24
C TRP A 35 -7.33 -6.65 -5.25
N PHE A 36 -6.63 -6.76 -4.12
CA PHE A 36 -5.27 -6.22 -4.00
C PHE A 36 -4.32 -6.90 -4.96
N THR A 37 -4.52 -8.20 -5.23
CA THR A 37 -3.68 -8.88 -6.19
C THR A 37 -3.79 -8.24 -7.57
N ASP A 38 -5.02 -7.98 -8.00
CA ASP A 38 -5.23 -7.33 -9.29
C ASP A 38 -4.73 -5.89 -9.28
N ALA A 39 -4.89 -5.20 -8.15
CA ALA A 39 -4.57 -3.77 -8.13
C ALA A 39 -3.07 -3.51 -8.00
N VAL A 40 -2.33 -4.43 -7.38
CA VAL A 40 -0.92 -4.19 -7.08
C VAL A 40 -0.02 -5.35 -7.51
N SER A 41 -0.20 -6.54 -6.90
CA SER A 41 0.80 -7.59 -6.99
C SER A 41 1.01 -8.09 -8.42
N ASP A 42 -0.08 -8.26 -9.18
CA ASP A 42 0.02 -8.72 -10.57
C ASP A 42 0.85 -7.76 -11.40
N LYS A 43 0.78 -6.46 -11.09
CA LYS A 43 1.56 -5.47 -11.82
C LYS A 43 3.03 -5.51 -11.40
N LEU A 44 3.30 -5.73 -10.12
CA LEU A 44 4.68 -5.96 -9.66
C LEU A 44 5.32 -7.15 -10.38
N ASP A 45 4.56 -8.21 -10.56
CA ASP A 45 5.04 -9.38 -11.24
C ASP A 45 5.39 -9.07 -12.68
N LYS A 46 4.57 -8.29 -13.36
CA LYS A 46 4.83 -7.92 -14.72
C LYS A 46 6.06 -7.01 -14.79
N ILE A 47 6.16 -6.05 -13.89
CA ILE A 47 7.36 -5.19 -13.80
C ILE A 47 8.60 -6.04 -13.53
N SER A 48 8.51 -6.95 -12.57
CA SER A 48 9.63 -7.84 -12.26
C SER A 48 10.03 -8.70 -13.47
N GLU A 49 9.05 -9.23 -14.20
CA GLU A 49 9.35 -10.06 -15.35
C GLU A 49 10.05 -9.26 -16.44
N SER A 50 9.60 -8.02 -16.69
CA SER A 50 10.24 -7.17 -17.69
C SER A 50 11.66 -6.81 -17.29
N LEU A 51 11.90 -6.51 -16.01
CA LEU A 51 13.27 -6.21 -15.58
C LEU A 51 14.19 -7.42 -15.77
N ASN A 52 13.71 -8.61 -15.44
CA ASN A 52 14.56 -9.78 -15.57
C ASN A 52 14.88 -10.09 -17.03
N THR A 53 13.92 -9.86 -17.93
CA THR A 53 14.21 -9.95 -19.36
C THR A 53 15.32 -8.97 -19.78
N LEU A 54 15.28 -7.74 -19.23
CA LEU A 54 16.33 -6.78 -19.54
C LEU A 54 17.67 -7.22 -18.96
N VAL A 55 17.66 -7.77 -17.76
CA VAL A 55 18.90 -8.30 -17.19
C VAL A 55 19.43 -9.43 -18.05
N GLU A 56 18.54 -10.35 -18.47
CA GLU A 56 18.91 -11.45 -19.34
C GLU A 56 19.65 -10.96 -20.57
N CYS A 57 19.07 -9.98 -21.26
CA CYS A 57 19.68 -9.45 -22.48
C CYS A 57 21.05 -8.85 -22.20
N VAL A 58 21.16 -8.01 -21.16
CA VAL A 58 22.45 -7.35 -20.92
C VAL A 58 23.50 -8.38 -20.48
N ILE A 59 23.08 -9.39 -19.73
CA ILE A 59 24.00 -10.47 -19.36
C ILE A 59 24.40 -11.26 -20.60
N ASP A 60 23.41 -11.61 -21.43
CA ASP A 60 23.69 -12.45 -22.58
C ASP A 60 24.68 -11.78 -23.52
N LYS A 61 24.53 -10.47 -23.73
CA LYS A 61 25.51 -9.76 -24.56
C LYS A 61 26.90 -9.76 -23.91
N ARG A 62 26.95 -9.68 -22.59
CA ARG A 62 28.23 -9.73 -21.88
C ARG A 62 28.94 -11.06 -22.13
N LEU A 63 28.19 -12.16 -22.10
CA LEU A 63 28.78 -13.49 -22.27
C LEU A 63 29.18 -13.78 -23.71
N ALA A 64 28.69 -13.00 -24.67
CA ALA A 64 28.93 -13.35 -26.06
C ALA A 64 29.97 -12.42 -26.67
N TRP B 9 -28.17 -11.84 20.60
CA TRP B 9 -28.65 -10.69 19.85
C TRP B 9 -27.57 -9.62 19.75
N TYR B 10 -26.84 -9.44 20.85
CA TYR B 10 -25.79 -8.43 20.88
C TYR B 10 -24.70 -8.74 19.85
N ALA B 11 -24.20 -9.97 19.87
CA ALA B 11 -23.14 -10.33 18.93
C ALA B 11 -23.58 -10.08 17.49
N ARG B 12 -24.85 -10.39 17.18
CA ARG B 12 -25.36 -10.22 15.82
C ARG B 12 -25.55 -8.76 15.46
N ALA B 13 -26.20 -7.99 16.34
CA ALA B 13 -26.45 -6.58 16.03
C ALA B 13 -25.17 -5.78 15.97
N THR B 14 -24.17 -6.15 16.76
CA THR B 14 -22.88 -5.48 16.70
C THR B 14 -22.20 -5.78 15.36
N ILE B 15 -22.10 -7.07 15.00
CA ILE B 15 -21.50 -7.44 13.72
C ILE B 15 -22.24 -6.77 12.57
N ALA B 16 -23.58 -6.79 12.61
CA ALA B 16 -24.33 -6.10 11.57
C ALA B 16 -23.97 -4.63 11.54
N ALA B 17 -23.77 -4.02 12.70
CA ALA B 17 -23.38 -2.61 12.77
C ALA B 17 -21.96 -2.40 12.25
N LEU B 18 -21.03 -3.28 12.62
CA LEU B 18 -19.65 -3.11 12.21
C LEU B 18 -19.50 -3.28 10.69
N GLN B 19 -20.24 -4.23 10.11
CA GLN B 19 -20.14 -4.48 8.68
C GLN B 19 -20.95 -3.50 7.84
N ALA B 20 -21.95 -2.86 8.45
CA ALA B 20 -22.73 -1.85 7.74
C ALA B 20 -21.94 -0.56 7.53
N ALA B 21 -21.12 -0.18 8.50
CA ALA B 21 -20.43 1.11 8.45
C ALA B 21 -19.25 1.09 7.46
N GLU B 22 -18.71 2.27 7.23
CA GLU B 22 -17.45 2.49 6.51
C GLU B 22 -16.40 3.05 7.45
N TYR B 23 -15.12 2.85 7.12
CA TYR B 23 -14.03 3.21 8.02
C TYR B 23 -13.05 4.14 7.32
N ARG B 24 -12.96 5.38 7.85
CA ARG B 24 -12.06 6.40 7.34
C ARG B 24 -10.75 6.36 8.12
N LEU B 25 -9.65 6.09 7.42
CA LEU B 25 -8.35 6.01 8.08
C LEU B 25 -7.86 7.41 8.45
N ALA B 26 -7.44 7.56 9.71
CA ALA B 26 -6.72 8.74 10.15
C ALA B 26 -5.24 8.58 9.79
N MET B 27 -4.45 9.58 10.19
CA MET B 27 -3.00 9.42 10.15
C MET B 27 -2.64 8.19 10.95
N PRO B 28 -1.82 7.28 10.42
CA PRO B 28 -1.47 6.09 11.20
C PRO B 28 -0.52 6.45 12.32
N SER B 29 -0.42 5.55 13.29
CA SER B 29 0.48 5.73 14.41
C SER B 29 1.94 5.78 13.93
N ALA B 30 2.80 6.31 14.80
CA ALA B 30 4.24 6.31 14.49
C ALA B 30 4.75 4.90 14.29
N SER B 31 4.16 3.94 15.00
CA SER B 31 4.60 2.56 14.87
C SER B 31 4.24 1.99 13.50
N TYR B 32 3.04 2.32 12.98
CA TYR B 32 2.67 1.85 11.66
C TYR B 32 3.56 2.45 10.58
N THR B 33 3.78 3.77 10.64
CA THR B 33 4.57 4.41 9.59
C THR B 33 6.01 3.92 9.60
N ALA B 34 6.57 3.64 10.80
CA ALA B 34 7.89 3.02 10.85
C ALA B 34 7.87 1.67 10.17
N TRP B 35 6.84 0.85 10.42
CA TRP B 35 6.75 -0.43 9.74
C TRP B 35 6.58 -0.25 8.23
N PHE B 36 5.72 0.68 7.82
CA PHE B 36 5.45 0.89 6.40
C PHE B 36 6.68 1.40 5.67
N THR B 37 7.45 2.26 6.32
CA THR B 37 8.69 2.79 5.75
C THR B 37 9.64 1.66 5.36
N ASP B 38 9.85 0.72 6.26
CA ASP B 38 10.75 -0.39 5.95
C ASP B 38 10.13 -1.33 4.94
N ALA B 39 8.81 -1.55 5.03
CA ALA B 39 8.16 -2.50 4.15
C ALA B 39 8.05 -1.98 2.72
N VAL B 40 7.95 -0.65 2.54
CA VAL B 40 7.64 -0.07 1.23
C VAL B 40 8.57 1.11 0.90
N SER B 41 8.50 2.18 1.72
CA SER B 41 9.03 3.48 1.32
C SER B 41 10.54 3.46 1.11
N ASP B 42 11.28 2.85 2.05
CA ASP B 42 12.73 2.71 1.90
C ASP B 42 13.09 1.99 0.62
N LYS B 43 12.38 0.91 0.31
CA LYS B 43 12.63 0.19 -0.94
C LYS B 43 12.38 1.08 -2.16
N LEU B 44 11.29 1.86 -2.14
CA LEU B 44 11.03 2.80 -3.23
C LEU B 44 12.16 3.79 -3.37
N ASP B 45 12.69 4.30 -2.24
CA ASP B 45 13.83 5.20 -2.30
C ASP B 45 15.00 4.56 -3.01
N LYS B 46 15.28 3.29 -2.69
CA LYS B 46 16.42 2.59 -3.30
C LYS B 46 16.17 2.31 -4.77
N ILE B 47 14.91 2.01 -5.12
CA ILE B 47 14.57 1.74 -6.52
C ILE B 47 14.66 3.01 -7.34
N SER B 48 14.22 4.14 -6.77
CA SER B 48 14.38 5.44 -7.41
C SER B 48 15.85 5.78 -7.64
N GLU B 49 16.69 5.60 -6.60
CA GLU B 49 18.12 5.90 -6.71
C GLU B 49 18.79 5.03 -7.76
N SER B 50 18.52 3.73 -7.74
CA SER B 50 19.06 2.83 -8.75
C SER B 50 18.63 3.26 -10.16
N LEU B 51 17.34 3.56 -10.32
CA LEU B 51 16.83 3.93 -11.64
C LEU B 51 17.42 5.26 -12.12
N ASN B 52 17.52 6.24 -11.23
CA ASN B 52 18.13 7.52 -11.60
C ASN B 52 19.58 7.36 -11.97
N THR B 53 20.29 6.44 -11.31
CA THR B 53 21.67 6.12 -11.70
C THR B 53 21.70 5.57 -13.12
N LEU B 54 20.79 4.66 -13.43
CA LEU B 54 20.74 4.06 -14.77
C LEU B 54 20.39 5.11 -15.82
N VAL B 55 19.39 5.96 -15.54
CA VAL B 55 19.05 7.04 -16.48
C VAL B 55 20.25 7.94 -16.71
N GLU B 56 20.92 8.36 -15.64
CA GLU B 56 22.04 9.28 -15.78
C GLU B 56 23.22 8.64 -16.52
N CYS B 57 23.42 7.35 -16.36
CA CYS B 57 24.47 6.68 -17.12
C CYS B 57 24.11 6.67 -18.62
N VAL B 58 22.84 6.36 -18.94
CA VAL B 58 22.41 6.31 -20.33
C VAL B 58 22.48 7.70 -20.95
N ILE B 59 22.07 8.72 -20.22
CA ILE B 59 22.16 10.08 -20.75
C ILE B 59 23.60 10.46 -21.00
N ASP B 60 24.49 10.11 -20.07
CA ASP B 60 25.90 10.44 -20.24
C ASP B 60 26.54 9.65 -21.37
N LYS B 61 26.02 8.47 -21.69
CA LYS B 61 26.54 7.77 -22.86
C LYS B 61 26.13 8.49 -24.13
N ARG B 62 24.95 9.10 -24.15
CA ARG B 62 24.55 9.88 -25.33
C ARG B 62 25.31 11.21 -25.42
N LEU B 63 25.66 11.83 -24.29
CA LEU B 63 26.24 13.17 -24.31
C LEU B 63 27.77 13.21 -24.26
N ALA B 64 28.46 12.13 -23.89
CA ALA B 64 29.90 12.20 -23.70
C ALA B 64 30.64 12.30 -25.04
N VAL B 65 31.70 13.12 -25.06
CA VAL B 65 32.52 13.27 -26.27
C VAL B 65 33.27 11.96 -26.55
N PRO C 2 -26.26 8.55 32.23
CA PRO C 2 -25.37 7.55 32.82
C PRO C 2 -24.35 8.17 33.77
N SER C 3 -23.95 7.44 34.80
CA SER C 3 -23.02 7.99 35.77
C SER C 3 -21.61 8.06 35.19
N GLU C 4 -20.82 8.96 35.77
CA GLU C 4 -19.41 9.06 35.40
C GLU C 4 -18.73 7.70 35.53
N ASP C 5 -19.08 6.96 36.58
CA ASP C 5 -18.47 5.66 36.79
C ASP C 5 -18.84 4.70 35.67
N TYR C 6 -20.09 4.77 35.19
CA TYR C 6 -20.46 4.03 34.00
C TYR C 6 -19.64 4.50 32.80
N ALA C 7 -19.55 5.83 32.61
CA ALA C 7 -18.78 6.38 31.51
C ALA C 7 -17.35 5.86 31.49
N ILE C 8 -16.70 5.82 32.66
CA ILE C 8 -15.32 5.38 32.73
C ILE C 8 -15.22 3.90 32.38
N TRP C 9 -16.10 3.08 32.96
CA TRP C 9 -16.08 1.66 32.62
C TRP C 9 -16.27 1.46 31.12
N TYR C 10 -17.26 2.14 30.53
CA TYR C 10 -17.53 1.97 29.11
C TYR C 10 -16.30 2.33 28.27
N ALA C 11 -15.68 3.47 28.58
CA ALA C 11 -14.51 3.89 27.82
C ALA C 11 -13.39 2.88 27.96
N ARG C 12 -13.13 2.41 29.18
CA ARG C 12 -12.04 1.46 29.36
C ARG C 12 -12.36 0.11 28.73
N ALA C 13 -13.62 -0.35 28.86
CA ALA C 13 -13.99 -1.63 28.28
C ALA C 13 -14.00 -1.58 26.76
N THR C 14 -14.47 -0.47 26.18
CA THR C 14 -14.55 -0.40 24.73
C THR C 14 -13.17 -0.27 24.10
N ILE C 15 -12.31 0.58 24.68
CA ILE C 15 -10.96 0.73 24.17
C ILE C 15 -10.19 -0.58 24.27
N ALA C 16 -10.31 -1.27 25.43
CA ALA C 16 -9.64 -2.55 25.58
C ALA C 16 -10.11 -3.56 24.54
N ALA C 17 -11.43 -3.64 24.29
CA ALA C 17 -11.92 -4.58 23.29
C ALA C 17 -11.42 -4.22 21.90
N LEU C 18 -11.37 -2.93 21.58
CA LEU C 18 -10.98 -2.51 20.24
C LEU C 18 -9.51 -2.83 19.98
N GLN C 19 -8.65 -2.68 20.98
CA GLN C 19 -7.24 -2.95 20.81
C GLN C 19 -6.92 -4.43 20.98
N ALA C 20 -7.76 -5.18 21.68
CA ALA C 20 -7.56 -6.62 21.76
C ALA C 20 -7.82 -7.29 20.41
N ALA C 21 -8.84 -6.82 19.69
CA ALA C 21 -9.26 -7.47 18.46
C ALA C 21 -8.30 -7.17 17.32
N GLU C 22 -8.45 -7.93 16.23
CA GLU C 22 -7.75 -7.66 14.98
C GLU C 22 -8.79 -7.48 13.87
N TYR C 23 -8.38 -6.80 12.79
CA TYR C 23 -9.33 -6.25 11.84
C TYR C 23 -9.07 -6.84 10.46
N ARG C 24 -10.05 -7.61 9.99
CA ARG C 24 -10.04 -8.26 8.68
C ARG C 24 -10.71 -7.33 7.67
N LEU C 25 -9.93 -6.86 6.68
CA LEU C 25 -10.45 -5.91 5.71
C LEU C 25 -11.38 -6.60 4.71
N ALA C 26 -12.54 -5.99 4.46
CA ALA C 26 -13.44 -6.42 3.41
C ALA C 26 -13.02 -5.81 2.07
N MET C 27 -13.72 -6.17 1.01
CA MET C 27 -13.62 -5.40 -0.21
C MET C 27 -13.80 -3.92 0.12
N PRO C 28 -12.85 -3.05 -0.19
CA PRO C 28 -13.03 -1.64 0.13
C PRO C 28 -14.24 -1.07 -0.59
N SER C 29 -14.74 0.04 -0.06
CA SER C 29 -15.77 0.82 -0.75
C SER C 29 -15.25 1.26 -2.12
N ALA C 30 -16.21 1.59 -2.99
CA ALA C 30 -15.86 2.05 -4.33
C ALA C 30 -15.04 3.33 -4.28
N SER C 31 -15.31 4.20 -3.31
CA SER C 31 -14.55 5.44 -3.22
C SER C 31 -13.08 5.16 -2.93
N TYR C 32 -12.81 4.18 -2.07
CA TYR C 32 -11.44 3.81 -1.76
C TYR C 32 -10.74 3.16 -2.95
N THR C 33 -11.40 2.19 -3.60
CA THR C 33 -10.71 1.50 -4.71
C THR C 33 -10.46 2.46 -5.86
N ALA C 34 -11.39 3.40 -6.09
CA ALA C 34 -11.19 4.39 -7.14
C ALA C 34 -10.04 5.33 -6.78
N TRP C 35 -9.99 5.77 -5.52
CA TRP C 35 -8.85 6.57 -5.07
C TRP C 35 -7.54 5.78 -5.16
N PHE C 36 -7.53 4.54 -4.64
CA PHE C 36 -6.31 3.73 -4.69
C PHE C 36 -5.81 3.50 -6.11
N THR C 37 -6.75 3.35 -7.06
CA THR C 37 -6.38 3.16 -8.47
C THR C 37 -5.62 4.36 -9.00
N ASP C 38 -6.12 5.56 -8.70
CA ASP C 38 -5.42 6.79 -9.10
C ASP C 38 -4.12 6.96 -8.31
N ALA C 39 -4.12 6.61 -7.02
CA ALA C 39 -2.95 6.80 -6.18
C ALA C 39 -1.83 5.81 -6.48
N VAL C 40 -2.17 4.60 -6.95
CA VAL C 40 -1.17 3.54 -7.02
C VAL C 40 -1.24 2.78 -8.34
N SER C 41 -2.39 2.12 -8.59
CA SER C 41 -2.48 1.16 -9.68
C SER C 41 -2.19 1.76 -11.05
N ASP C 42 -2.76 2.93 -11.34
CA ASP C 42 -2.55 3.56 -12.64
C ASP C 42 -1.10 3.92 -12.85
N LYS C 43 -0.42 4.31 -11.77
CA LYS C 43 1.00 4.64 -11.89
C LYS C 43 1.83 3.38 -12.15
N LEU C 44 1.48 2.26 -11.51
CA LEU C 44 2.15 1.00 -11.83
C LEU C 44 1.91 0.57 -13.28
N ASP C 45 0.74 0.88 -13.84
CA ASP C 45 0.48 0.51 -15.24
C ASP C 45 1.38 1.27 -16.19
N LYS C 46 1.58 2.57 -15.94
CA LYS C 46 2.43 3.40 -16.77
C LYS C 46 3.89 2.96 -16.67
N ILE C 47 4.35 2.65 -15.46
CA ILE C 47 5.68 2.08 -15.26
C ILE C 47 5.82 0.77 -16.03
N SER C 48 4.81 -0.10 -15.92
CA SER C 48 4.85 -1.39 -16.61
C SER C 48 4.88 -1.20 -18.12
N GLU C 49 4.04 -0.30 -18.64
CA GLU C 49 4.03 -0.03 -20.08
C GLU C 49 5.37 0.54 -20.56
N SER C 50 5.97 1.44 -19.78
CA SER C 50 7.27 1.98 -20.20
C SER C 50 8.31 0.87 -20.28
N LEU C 51 8.30 -0.04 -19.31
CA LEU C 51 9.25 -1.15 -19.36
C LEU C 51 9.01 -2.04 -20.58
N ASN C 52 7.74 -2.31 -20.91
CA ASN C 52 7.43 -3.13 -22.08
C ASN C 52 8.01 -2.53 -23.35
N THR C 53 7.84 -1.22 -23.53
CA THR C 53 8.45 -0.53 -24.66
C THR C 53 9.97 -0.69 -24.66
N LEU C 54 10.61 -0.54 -23.49
CA LEU C 54 12.05 -0.75 -23.37
C LEU C 54 12.43 -2.16 -23.82
N VAL C 55 11.79 -3.17 -23.21
CA VAL C 55 12.08 -4.56 -23.54
C VAL C 55 11.90 -4.80 -25.03
N GLU C 56 10.75 -4.38 -25.58
CA GLU C 56 10.50 -4.57 -27.01
C GLU C 56 11.63 -3.99 -27.85
N CYS C 57 12.12 -2.80 -27.50
CA CYS C 57 13.15 -2.16 -28.31
C CYS C 57 14.50 -2.86 -28.14
N VAL C 58 14.86 -3.19 -26.90
CA VAL C 58 16.11 -3.91 -26.67
C VAL C 58 16.10 -5.24 -27.41
N ILE C 59 15.03 -6.01 -27.27
CA ILE C 59 14.95 -7.29 -27.98
C ILE C 59 15.02 -7.08 -29.48
N ASP C 60 14.28 -6.09 -29.99
CA ASP C 60 14.19 -5.86 -31.43
C ASP C 60 15.55 -5.50 -32.02
N LYS C 61 16.28 -4.57 -31.37
CA LYS C 61 17.59 -4.15 -31.88
C LYS C 61 18.54 -5.33 -32.08
N ARG C 62 18.31 -6.42 -31.36
CA ARG C 62 18.96 -7.70 -31.66
C ARG C 62 18.22 -8.41 -32.79
N LEU C 63 18.00 -7.72 -33.91
CA LEU C 63 17.23 -8.22 -35.05
C LEU C 63 18.14 -8.98 -36.00
N ALA D 7 -33.00 -2.26 19.34
CA ALA D 7 -32.35 -2.85 18.17
C ALA D 7 -32.19 -1.81 17.07
N ILE D 8 -33.31 -1.18 16.68
CA ILE D 8 -33.27 -0.09 15.72
C ILE D 8 -32.32 1.00 16.20
N TRP D 9 -32.49 1.46 17.44
CA TRP D 9 -31.66 2.55 17.94
C TRP D 9 -30.19 2.14 18.02
N TYR D 10 -29.94 0.90 18.45
CA TYR D 10 -28.57 0.43 18.62
C TYR D 10 -27.84 0.41 17.29
N ALA D 11 -28.46 -0.19 16.26
CA ALA D 11 -27.89 -0.15 14.92
C ALA D 11 -27.67 1.29 14.47
N ARG D 12 -28.64 2.17 14.72
CA ARG D 12 -28.58 3.54 14.23
C ARG D 12 -27.44 4.33 14.85
N ALA D 13 -27.31 4.26 16.18
CA ALA D 13 -26.32 5.08 16.88
C ALA D 13 -24.93 4.49 16.79
N THR D 14 -24.82 3.16 16.79
CA THR D 14 -23.52 2.52 16.64
C THR D 14 -22.94 2.79 15.25
N ILE D 15 -23.75 2.61 14.20
CA ILE D 15 -23.29 2.88 12.84
C ILE D 15 -22.95 4.36 12.68
N ALA D 16 -23.77 5.24 13.25
CA ALA D 16 -23.45 6.66 13.21
C ALA D 16 -22.08 6.93 13.81
N ALA D 17 -21.81 6.31 14.97
CA ALA D 17 -20.55 6.52 15.66
C ALA D 17 -19.39 5.98 14.84
N LEU D 18 -19.54 4.78 14.26
CA LEU D 18 -18.45 4.16 13.50
C LEU D 18 -18.05 5.01 12.30
N GLN D 19 -19.04 5.60 11.62
CA GLN D 19 -18.77 6.40 10.44
C GLN D 19 -18.31 7.81 10.78
N ALA D 20 -18.61 8.30 11.98
CA ALA D 20 -18.14 9.61 12.37
C ALA D 20 -16.68 9.59 12.82
N ALA D 21 -16.23 8.48 13.40
CA ALA D 21 -14.87 8.34 13.87
C ALA D 21 -13.89 8.11 12.72
N GLU D 22 -12.60 8.38 12.99
CA GLU D 22 -11.49 7.99 12.15
C GLU D 22 -10.59 7.02 12.90
N TYR D 23 -9.83 6.22 12.14
CA TYR D 23 -9.20 5.01 12.64
C TYR D 23 -7.69 5.08 12.41
N ARG D 24 -6.95 5.02 13.51
CA ARG D 24 -5.51 5.15 13.55
C ARG D 24 -4.90 3.75 13.55
N LEU D 25 -4.09 3.45 12.53
CA LEU D 25 -3.56 2.10 12.38
C LEU D 25 -2.42 1.89 13.38
N ALA D 26 -2.46 0.75 14.08
CA ALA D 26 -1.34 0.35 14.92
C ALA D 26 -0.31 -0.35 14.05
N MET D 27 0.73 -0.89 14.68
CA MET D 27 1.56 -1.87 14.00
C MET D 27 0.67 -3.06 13.61
N PRO D 28 0.68 -3.47 12.34
CA PRO D 28 -0.21 -4.57 11.94
C PRO D 28 0.24 -5.89 12.55
N SER D 29 -0.68 -6.85 12.57
CA SER D 29 -0.35 -8.16 13.10
C SER D 29 0.66 -8.87 12.21
N ALA D 30 1.45 -9.76 12.81
CA ALA D 30 2.32 -10.62 12.03
C ALA D 30 1.57 -11.32 10.90
N SER D 31 0.29 -11.66 11.12
CA SER D 31 -0.49 -12.27 10.05
C SER D 31 -0.61 -11.32 8.85
N TYR D 32 -0.87 -10.04 9.10
CA TYR D 32 -0.98 -9.09 8.00
C TYR D 32 0.37 -8.86 7.34
N THR D 33 1.42 -8.61 8.13
CA THR D 33 2.72 -8.36 7.53
C THR D 33 3.20 -9.56 6.72
N ALA D 34 2.89 -10.78 7.19
CA ALA D 34 3.28 -11.96 6.41
C ALA D 34 2.63 -11.93 5.04
N TRP D 35 1.33 -11.64 4.99
CA TRP D 35 0.65 -11.52 3.71
C TRP D 35 1.21 -10.34 2.89
N PHE D 36 1.41 -9.18 3.52
CA PHE D 36 1.83 -7.98 2.79
C PHE D 36 3.26 -8.15 2.26
N THR D 37 4.10 -8.90 2.98
CA THR D 37 5.45 -9.21 2.51
C THR D 37 5.40 -10.02 1.22
N ASP D 38 4.60 -11.10 1.20
CA ASP D 38 4.40 -11.84 -0.04
C ASP D 38 3.81 -10.93 -1.12
N ALA D 39 2.82 -10.12 -0.76
CA ALA D 39 2.06 -9.39 -1.76
C ALA D 39 2.84 -8.23 -2.35
N VAL D 40 3.79 -7.66 -1.59
CA VAL D 40 4.41 -6.39 -1.98
C VAL D 40 5.92 -6.40 -1.73
N SER D 41 6.33 -6.56 -0.47
CA SER D 41 7.71 -6.27 -0.09
C SER D 41 8.70 -7.22 -0.74
N ASP D 42 8.36 -8.51 -0.83
CA ASP D 42 9.27 -9.44 -1.52
C ASP D 42 9.41 -9.10 -2.99
N LYS D 43 8.31 -8.74 -3.64
CA LYS D 43 8.42 -8.34 -5.05
C LYS D 43 9.23 -7.04 -5.19
N LEU D 44 9.08 -6.10 -4.25
CA LEU D 44 9.93 -4.91 -4.27
C LEU D 44 11.40 -5.28 -4.16
N ASP D 45 11.71 -6.23 -3.26
CA ASP D 45 13.07 -6.72 -3.12
C ASP D 45 13.57 -7.29 -4.45
N LYS D 46 12.78 -8.14 -5.09
CA LYS D 46 13.24 -8.73 -6.35
C LYS D 46 13.45 -7.66 -7.41
N ILE D 47 12.55 -6.68 -7.48
CA ILE D 47 12.66 -5.62 -8.48
C ILE D 47 13.94 -4.83 -8.25
N SER D 48 14.19 -4.44 -6.99
CA SER D 48 15.42 -3.74 -6.66
C SER D 48 16.66 -4.55 -7.05
N GLU D 49 16.68 -5.85 -6.74
CA GLU D 49 17.84 -6.67 -7.07
C GLU D 49 18.09 -6.72 -8.58
N SER D 50 17.02 -6.91 -9.38
CA SER D 50 17.16 -6.90 -10.83
C SER D 50 17.62 -5.54 -11.34
N LEU D 51 16.97 -4.47 -10.88
CA LEU D 51 17.38 -3.14 -11.26
C LEU D 51 18.84 -2.88 -10.91
N ASN D 52 19.27 -3.31 -9.71
CA ASN D 52 20.66 -3.10 -9.33
C ASN D 52 21.61 -3.88 -10.23
N THR D 53 21.23 -5.10 -10.60
CA THR D 53 22.02 -5.87 -11.55
C THR D 53 22.12 -5.16 -12.87
N LEU D 54 21.01 -4.61 -13.34
CA LEU D 54 21.02 -3.89 -14.61
C LEU D 54 21.95 -2.69 -14.55
N VAL D 55 21.83 -1.90 -13.49
CA VAL D 55 22.69 -0.73 -13.34
C VAL D 55 24.16 -1.16 -13.32
N GLU D 56 24.48 -2.16 -12.50
CA GLU D 56 25.87 -2.56 -12.33
C GLU D 56 26.47 -3.09 -13.64
N CYS D 57 25.69 -3.81 -14.45
CA CYS D 57 26.23 -4.36 -15.69
C CYS D 57 26.40 -3.29 -16.77
N VAL D 58 25.47 -2.32 -16.84
CA VAL D 58 25.63 -1.22 -17.79
C VAL D 58 26.82 -0.36 -17.40
N ILE D 59 27.02 -0.15 -16.09
CA ILE D 59 28.22 0.54 -15.64
C ILE D 59 29.46 -0.32 -15.92
N ASP D 60 29.37 -1.63 -15.66
CA ASP D 60 30.51 -2.52 -15.90
C ASP D 60 30.97 -2.47 -17.36
N LYS D 61 30.03 -2.43 -18.30
CA LYS D 61 30.43 -2.38 -19.71
C LYS D 61 31.07 -1.03 -20.05
N ARG D 62 30.54 0.06 -19.48
CA ARG D 62 31.14 1.37 -19.62
C ARG D 62 32.58 1.40 -19.13
N LEU D 63 32.86 0.73 -18.01
CA LEU D 63 34.16 0.81 -17.35
C LEU D 63 35.13 -0.28 -17.80
N ALA D 64 34.72 -1.15 -18.73
CA ALA D 64 35.46 -2.37 -19.01
C ALA D 64 36.58 -2.13 -20.01
N VAL D 65 37.71 -2.82 -19.75
CA VAL D 65 38.96 -2.96 -20.55
C VAL D 65 39.79 -1.69 -20.49
N ILE E 8 -17.46 -6.25 32.13
CA ILE E 8 -17.88 -7.59 32.52
C ILE E 8 -17.95 -8.50 31.30
N TRP E 9 -19.17 -8.92 30.97
CA TRP E 9 -19.43 -9.69 29.75
C TRP E 9 -19.34 -8.81 28.50
N TYR E 10 -19.47 -7.49 28.65
CA TYR E 10 -19.45 -6.60 27.50
C TYR E 10 -18.09 -6.61 26.80
N ALA E 11 -17.01 -7.00 27.47
CA ALA E 11 -15.71 -7.03 26.79
C ALA E 11 -15.52 -8.27 25.95
N ARG E 12 -15.99 -9.43 26.43
CA ARG E 12 -15.78 -10.69 25.73
C ARG E 12 -16.60 -10.78 24.44
N ALA E 13 -17.88 -10.42 24.51
CA ALA E 13 -18.74 -10.48 23.33
C ALA E 13 -18.41 -9.40 22.31
N THR E 14 -17.82 -8.28 22.76
CA THR E 14 -17.47 -7.20 21.85
C THR E 14 -16.21 -7.57 21.06
N ILE E 15 -15.17 -8.07 21.73
CA ILE E 15 -14.01 -8.60 21.02
C ILE E 15 -14.46 -9.64 20.00
N ALA E 16 -15.33 -10.56 20.45
CA ALA E 16 -15.87 -11.58 19.55
C ALA E 16 -16.54 -10.94 18.34
N ALA E 17 -17.38 -9.93 18.55
CA ALA E 17 -18.04 -9.28 17.43
C ALA E 17 -17.01 -8.60 16.52
N LEU E 18 -16.03 -7.91 17.13
CA LEU E 18 -15.02 -7.20 16.35
C LEU E 18 -14.21 -8.14 15.47
N GLN E 19 -13.79 -9.29 16.01
CA GLN E 19 -12.98 -10.23 15.23
C GLN E 19 -13.79 -10.94 14.14
N ALA E 20 -15.09 -11.12 14.37
CA ALA E 20 -15.93 -11.81 13.40
C ALA E 20 -16.29 -10.90 12.23
N ALA E 21 -16.35 -9.60 12.46
CA ALA E 21 -16.70 -8.64 11.42
C ALA E 21 -15.56 -8.44 10.42
N GLU E 22 -15.94 -7.91 9.26
CA GLU E 22 -15.03 -7.41 8.22
C GLU E 22 -15.26 -5.92 8.02
N TYR E 23 -14.20 -5.20 7.64
CA TYR E 23 -14.19 -3.74 7.69
C TYR E 23 -13.95 -3.16 6.31
N ARG E 24 -14.88 -2.34 5.86
CA ARG E 24 -14.91 -1.74 4.53
C ARG E 24 -14.32 -0.34 4.61
N LEU E 25 -13.17 -0.14 3.97
CA LEU E 25 -12.52 1.17 3.98
C LEU E 25 -13.32 2.16 3.16
N ALA E 26 -13.58 3.33 3.73
CA ALA E 26 -14.03 4.48 2.97
C ALA E 26 -12.83 5.18 2.36
N MET E 27 -13.10 6.28 1.66
CA MET E 27 -12.03 7.21 1.31
C MET E 27 -11.29 7.59 2.59
N PRO E 28 -9.96 7.54 2.60
CA PRO E 28 -9.20 7.93 3.79
C PRO E 28 -9.32 9.43 4.06
N SER E 29 -8.99 9.82 5.30
CA SER E 29 -8.95 11.24 5.67
C SER E 29 -7.89 12.00 4.87
N ALA E 30 -8.10 13.31 4.75
CA ALA E 30 -7.08 14.16 4.14
C ALA E 30 -5.71 13.95 4.78
N SER E 31 -5.67 13.72 6.09
CA SER E 31 -4.40 13.47 6.75
C SER E 31 -3.74 12.18 6.26
N TYR E 32 -4.47 11.07 6.25
CA TYR E 32 -3.90 9.82 5.75
C TYR E 32 -3.47 9.94 4.30
N THR E 33 -4.31 10.54 3.45
CA THR E 33 -3.99 10.61 2.04
C THR E 33 -2.73 11.43 1.79
N ALA E 34 -2.56 12.53 2.53
CA ALA E 34 -1.36 13.34 2.40
C ALA E 34 -0.11 12.56 2.84
N TRP E 35 -0.23 11.78 3.92
CA TRP E 35 0.87 10.90 4.32
C TRP E 35 1.13 9.87 3.23
N PHE E 36 0.08 9.19 2.77
CA PHE E 36 0.23 8.16 1.75
C PHE E 36 0.82 8.71 0.46
N THR E 37 0.42 9.92 0.07
CA THR E 37 0.96 10.55 -1.14
C THR E 37 2.46 10.70 -1.02
N ASP E 38 2.94 11.14 0.14
CA ASP E 38 4.38 11.28 0.37
C ASP E 38 5.07 9.92 0.41
N ALA E 39 4.48 8.94 1.11
CA ALA E 39 5.15 7.66 1.31
C ALA E 39 5.16 6.77 0.06
N VAL E 40 4.23 6.99 -0.88
CA VAL E 40 4.07 6.07 -2.02
C VAL E 40 3.92 6.85 -3.33
N SER E 41 2.83 7.63 -3.42
CA SER E 41 2.36 8.12 -4.71
C SER E 41 3.34 9.09 -5.36
N ASP E 42 3.93 10.01 -4.58
CA ASP E 42 4.92 10.94 -5.11
C ASP E 42 6.17 10.22 -5.59
N LYS E 43 6.57 9.17 -4.87
CA LYS E 43 7.74 8.39 -5.28
C LYS E 43 7.45 7.61 -6.58
N LEU E 44 6.23 7.08 -6.71
CA LEU E 44 5.88 6.40 -7.96
C LEU E 44 5.92 7.36 -9.13
N ASP E 45 5.47 8.60 -8.92
CA ASP E 45 5.52 9.61 -9.98
C ASP E 45 6.94 9.86 -10.44
N LYS E 46 7.87 10.02 -9.49
CA LYS E 46 9.27 10.24 -9.83
C LYS E 46 9.86 9.03 -10.54
N ILE E 47 9.54 7.82 -10.06
CA ILE E 47 10.00 6.60 -10.72
C ILE E 47 9.44 6.50 -12.13
N SER E 48 8.15 6.79 -12.29
CA SER E 48 7.53 6.78 -13.62
C SER E 48 8.17 7.80 -14.55
N GLU E 49 8.32 9.03 -14.07
CA GLU E 49 8.96 10.08 -14.85
C GLU E 49 10.42 9.76 -15.17
N SER E 50 11.10 9.04 -14.28
CA SER E 50 12.48 8.65 -14.57
C SER E 50 12.51 7.58 -15.66
N LEU E 51 11.60 6.60 -15.60
CA LEU E 51 11.56 5.57 -16.64
C LEU E 51 11.15 6.17 -17.99
N ASN E 52 10.22 7.12 -18.00
CA ASN E 52 9.92 7.85 -19.24
C ASN E 52 11.18 8.48 -19.82
N THR E 53 11.97 9.12 -18.95
CA THR E 53 13.22 9.73 -19.39
C THR E 53 14.15 8.70 -20.01
N LEU E 54 14.32 7.57 -19.32
CA LEU E 54 15.11 6.46 -19.85
C LEU E 54 14.61 6.03 -21.22
N VAL E 55 13.30 5.76 -21.32
CA VAL E 55 12.74 5.23 -22.56
C VAL E 55 12.93 6.21 -23.70
N GLU E 56 12.54 7.49 -23.49
CA GLU E 56 12.61 8.45 -24.59
C GLU E 56 14.05 8.75 -25.00
N CYS E 57 14.99 8.70 -24.06
CA CYS E 57 16.39 8.86 -24.45
C CYS E 57 16.84 7.66 -25.28
N VAL E 58 16.53 6.44 -24.81
CA VAL E 58 16.95 5.23 -25.50
C VAL E 58 16.26 5.09 -26.85
N ILE E 59 14.94 5.29 -26.88
CA ILE E 59 14.15 5.08 -28.09
C ILE E 59 14.31 6.25 -29.06
N ASP E 60 14.11 7.48 -28.59
CA ASP E 60 13.96 8.64 -29.45
C ASP E 60 15.12 9.61 -29.40
N LYS E 61 16.12 9.39 -28.55
CA LYS E 61 17.22 10.36 -28.36
C LYS E 61 16.71 11.77 -28.04
N ARG E 62 15.62 11.87 -27.28
CA ARG E 62 15.11 13.15 -26.85
C ARG E 62 14.88 13.12 -25.34
N LEU E 63 14.67 14.31 -24.77
CA LEU E 63 14.38 14.44 -23.35
C LEU E 63 12.88 14.32 -23.08
N ALA E 64 12.51 13.39 -22.20
CA ALA E 64 11.11 13.30 -21.78
C ALA E 64 10.72 14.59 -21.08
N VAL E 65 9.53 15.10 -21.38
CA VAL E 65 9.07 16.31 -20.71
C VAL E 65 7.69 16.08 -20.10
N SER E 66 7.44 16.80 -19.01
CA SER E 66 6.19 16.73 -18.24
C SER E 66 5.28 17.91 -18.56
#